data_5N1U
#
_entry.id   5N1U
#
_cell.length_a   58.475
_cell.length_b   66.287
_cell.length_c   109.763
_cell.angle_alpha   90.000
_cell.angle_beta   90.000
_cell.angle_gamma   90.000
#
_symmetry.space_group_name_H-M   'P 21 21 21'
#
loop_
_entity.id
_entity.type
_entity.pdbx_description
1 polymer XEco2
2 non-polymer 'COENZYME A'
#
_entity_poly.entity_id   1
_entity_poly.type   'polypeptide(L)'
_entity_poly.pdbx_seq_one_letter_code
;GSMKKERVITEFWDGKIIMVSPDDPKYALKKAEEVRELVDSELGFQQVSLRCPSQTRTYMFVSNEKKIVGCLIAEPIREA
YRVLAEPPSLHSLHGEPLERHRAWRCSTEPEPAICGISRIWVFALMRRKAIASRMVDAVRSSFMYGSVLTTEEIAFSDPT
PDGKLFASTYCKVPDFLVYNFVS
;
_entity_poly.pdbx_strand_id   A,B
#
# COMPACT_ATOMS: atom_id res chain seq x y z
N SER A 2 15.04 1.98 27.94
CA SER A 2 13.68 1.53 28.24
C SER A 2 13.49 0.07 27.84
N MET A 3 13.77 -0.83 28.77
CA MET A 3 13.65 -2.27 28.56
C MET A 3 12.30 -2.73 29.11
N LYS A 4 11.34 -2.95 28.22
CA LYS A 4 9.98 -3.34 28.58
C LYS A 4 9.66 -4.67 27.95
N LYS A 5 9.04 -5.57 28.72
CA LYS A 5 8.97 -6.98 28.37
C LYS A 5 7.70 -7.30 27.58
N GLU A 6 7.88 -7.84 26.38
CA GLU A 6 6.79 -8.23 25.50
C GLU A 6 6.54 -9.73 25.64
N ARG A 7 5.43 -10.19 25.05
CA ARG A 7 4.92 -11.55 25.25
C ARG A 7 5.28 -12.42 24.05
N VAL A 8 6.20 -13.35 24.24
CA VAL A 8 6.62 -14.29 23.20
C VAL A 8 5.76 -15.55 23.29
N ILE A 9 5.23 -15.97 22.15
CA ILE A 9 4.51 -17.23 22.05
C ILE A 9 5.45 -18.37 21.62
N THR A 10 6.25 -18.11 20.58
CA THR A 10 7.20 -19.07 20.08
C THR A 10 8.44 -18.33 19.60
N GLU A 11 9.61 -18.92 19.83
CA GLU A 11 10.87 -18.37 19.35
C GLU A 11 11.39 -19.25 18.21
N PHE A 12 11.94 -18.60 17.19
CA PHE A 12 12.43 -19.29 16.00
C PHE A 12 13.83 -18.81 15.68
N TRP A 13 14.51 -19.57 14.82
CA TRP A 13 15.86 -19.24 14.40
C TRP A 13 15.90 -17.99 13.54
N ASP A 14 14.79 -17.60 12.93
CA ASP A 14 14.74 -16.43 12.06
C ASP A 14 13.76 -15.37 12.57
N GLY A 15 13.30 -15.48 13.81
CA GLY A 15 12.40 -14.48 14.36
C GLY A 15 11.67 -15.05 15.57
N LYS A 16 10.60 -14.34 15.94
CA LYS A 16 9.76 -14.74 17.06
C LYS A 16 8.36 -14.19 16.83
N ILE A 17 7.37 -14.87 17.40
CA ILE A 17 5.97 -14.47 17.27
C ILE A 17 5.49 -14.00 18.63
N ILE A 18 5.15 -12.71 18.71
CA ILE A 18 4.62 -12.14 19.94
C ILE A 18 3.11 -11.93 19.78
N MET A 19 2.44 -11.48 20.83
CA MET A 19 1.00 -11.26 20.79
C MET A 19 0.65 -10.08 21.68
N VAL A 20 -0.25 -9.24 21.19
CA VAL A 20 -0.70 -8.05 21.91
C VAL A 20 -2.18 -8.21 22.22
N SER A 21 -2.49 -8.48 23.49
CA SER A 21 -3.87 -8.46 23.93
C SER A 21 -4.30 -7.02 24.20
N PRO A 22 -5.61 -6.75 24.22
CA PRO A 22 -6.07 -5.37 24.45
C PRO A 22 -5.71 -4.82 25.83
N ASP A 23 -5.69 -5.65 26.88
CA ASP A 23 -5.33 -5.19 28.21
C ASP A 23 -3.82 -5.27 28.42
N ASP A 24 -3.06 -4.67 27.50
CA ASP A 24 -1.60 -4.64 27.57
C ASP A 24 -1.12 -3.21 27.74
N PRO A 25 0.14 -3.00 28.09
CA PRO A 25 0.64 -1.63 28.25
C PRO A 25 0.53 -0.86 26.95
N LYS A 26 0.25 0.44 27.08
CA LYS A 26 0.03 1.28 25.90
C LYS A 26 1.22 1.23 24.94
N TYR A 27 2.44 1.06 25.45
CA TYR A 27 3.60 0.97 24.56
C TYR A 27 3.41 -0.17 23.56
N ALA A 28 2.80 -1.27 23.99
CA ALA A 28 2.52 -2.37 23.07
C ALA A 28 1.36 -1.99 22.14
N LEU A 29 0.29 -1.45 22.71
CA LEU A 29 -0.89 -1.13 21.91
C LEU A 29 -0.55 -0.14 20.80
N LYS A 30 0.32 0.83 21.08
CA LYS A 30 0.68 1.81 20.06
C LYS A 30 1.33 1.16 18.86
N LYS A 31 2.32 0.30 19.10
CA LYS A 31 2.92 -0.45 18.00
C LYS A 31 1.88 -1.33 17.33
N ALA A 32 1.13 -2.10 18.13
CA ALA A 32 0.12 -2.99 17.57
C ALA A 32 -0.88 -2.24 16.70
N GLU A 33 -1.26 -1.04 17.10
CA GLU A 33 -2.21 -0.26 16.30
C GLU A 33 -1.60 0.17 14.97
N GLU A 34 -0.31 0.52 14.96
CA GLU A 34 0.32 0.98 13.72
C GLU A 34 0.45 -0.15 12.72
N VAL A 35 0.91 -1.32 13.17
CA VAL A 35 1.06 -2.45 12.24
C VAL A 35 -0.31 -2.89 11.73
N ARG A 36 -1.37 -2.69 12.51
CA ARG A 36 -2.71 -2.87 11.96
C ARG A 36 -2.92 -1.95 10.78
N GLU A 37 -2.75 -0.65 10.99
CA GLU A 37 -2.94 0.32 9.91
C GLU A 37 -2.10 -0.04 8.70
N LEU A 38 -0.86 -0.48 8.92
CA LEU A 38 0.00 -0.88 7.81
C LEU A 38 -0.61 -2.05 7.05
N VAL A 39 -1.15 -3.04 7.77
CA VAL A 39 -1.81 -4.17 7.12
C VAL A 39 -3.05 -3.71 6.36
N ASP A 40 -3.97 -3.08 7.09
CA ASP A 40 -5.28 -2.74 6.51
C ASP A 40 -5.14 -1.93 5.23
N SER A 41 -4.16 -1.02 5.18
CA SER A 41 -3.91 -0.28 3.94
C SER A 41 -3.50 -1.20 2.82
N GLU A 42 -2.63 -2.16 3.10
CA GLU A 42 -2.21 -3.12 2.08
C GLU A 42 -3.37 -3.98 1.61
N LEU A 43 -4.11 -4.58 2.56
CA LEU A 43 -5.30 -5.36 2.23
C LEU A 43 -6.42 -4.50 1.67
N GLY A 44 -6.21 -3.21 1.74
CA GLY A 44 -7.15 -2.27 1.18
C GLY A 44 -8.47 -2.21 2.01
N PHE A 45 -8.40 -1.73 3.28
CA PHE A 45 -9.55 -1.49 4.20
C PHE A 45 -9.50 0.01 4.71
N GLN A 46 -10.64 0.66 5.06
CA GLN A 46 -10.75 2.04 5.62
C GLN A 46 -11.67 2.01 6.90
N GLN A 47 -11.17 2.31 8.11
CA GLN A 47 -11.95 2.29 9.35
C GLN A 47 -12.66 0.92 9.58
N VAL A 48 -11.96 -0.16 9.95
CA VAL A 48 -12.65 -1.47 10.14
C VAL A 48 -13.70 -1.51 11.31
N SER A 49 -13.24 -1.21 12.50
CA SER A 49 -14.08 -1.29 13.71
C SER A 49 -14.76 -2.67 13.96
N LEU A 50 -14.00 -3.74 14.25
CA LEU A 50 -14.61 -5.10 14.50
C LEU A 50 -15.39 -5.18 15.83
N ARG A 51 -16.07 -6.30 16.02
CA ARG A 51 -16.86 -6.53 17.23
C ARG A 51 -16.01 -7.20 18.30
N CYS A 52 -16.49 -7.09 19.53
CA CYS A 52 -15.84 -7.68 20.70
C CYS A 52 -14.38 -7.24 20.79
N PRO A 53 -14.12 -5.93 20.85
CA PRO A 53 -12.72 -5.46 20.81
C PRO A 53 -11.91 -5.89 22.01
N SER A 54 -12.57 -6.32 23.10
CA SER A 54 -11.84 -6.73 24.29
C SER A 54 -11.13 -8.06 24.11
N GLN A 55 -11.65 -8.92 23.22
CA GLN A 55 -11.12 -10.26 23.05
C GLN A 55 -10.44 -10.47 21.70
N THR A 56 -9.88 -9.42 21.09
CA THR A 56 -9.25 -9.52 19.78
C THR A 56 -7.74 -9.42 19.97
N ARG A 57 -7.05 -10.53 19.72
CA ARG A 57 -5.62 -10.62 19.92
C ARG A 57 -4.90 -10.49 18.58
N THR A 58 -3.83 -9.71 18.57
CA THR A 58 -3.09 -9.43 17.34
C THR A 58 -1.70 -10.04 17.47
N TYR A 59 -1.37 -10.94 16.56
CA TYR A 59 -0.09 -11.62 16.53
C TYR A 59 0.85 -10.96 15.52
N MET A 60 2.15 -11.03 15.82
CA MET A 60 3.16 -10.39 14.99
C MET A 60 4.37 -11.29 14.90
N PHE A 61 4.82 -11.58 13.69
CA PHE A 61 6.10 -12.26 13.48
C PHE A 61 7.18 -11.20 13.35
N VAL A 62 8.15 -11.24 14.26
CA VAL A 62 9.25 -10.29 14.31
C VAL A 62 10.52 -10.97 13.83
N SER A 63 11.19 -10.36 12.86
CA SER A 63 12.43 -10.91 12.33
C SER A 63 13.55 -10.76 13.35
N ASN A 64 14.73 -11.28 12.98
CA ASN A 64 15.91 -11.13 13.83
C ASN A 64 16.50 -9.74 13.77
N GLU A 65 16.12 -8.93 12.78
CA GLU A 65 16.48 -7.52 12.75
C GLU A 65 15.40 -6.63 13.38
N LYS A 66 14.57 -7.20 14.24
CA LYS A 66 13.53 -6.45 14.94
C LYS A 66 12.68 -5.64 13.96
N LYS A 67 12.12 -6.34 12.97
CA LYS A 67 11.18 -5.77 12.03
C LYS A 67 9.94 -6.65 11.99
N ILE A 68 8.75 -6.04 12.05
CA ILE A 68 7.49 -6.78 12.02
C ILE A 68 7.23 -7.19 10.57
N VAL A 69 7.61 -8.42 10.21
CA VAL A 69 7.43 -8.91 8.84
C VAL A 69 6.13 -9.69 8.67
N GLY A 70 5.46 -10.04 9.75
CA GLY A 70 4.20 -10.75 9.66
C GLY A 70 3.22 -10.30 10.72
N CYS A 71 1.95 -10.21 10.35
CA CYS A 71 0.91 -9.82 11.29
C CYS A 71 -0.34 -10.65 11.04
N LEU A 72 -1.00 -11.02 12.12
CA LEU A 72 -2.27 -11.75 12.07
C LEU A 72 -3.13 -11.24 13.21
N ILE A 73 -4.42 -11.05 12.93
CA ILE A 73 -5.36 -10.52 13.90
C ILE A 73 -6.45 -11.56 14.10
N ALA A 74 -6.46 -12.16 15.28
CA ALA A 74 -7.47 -13.14 15.63
C ALA A 74 -8.62 -12.45 16.37
N GLU A 75 -9.79 -13.07 16.33
CA GLU A 75 -10.95 -12.58 17.03
C GLU A 75 -11.87 -13.75 17.31
N PRO A 76 -12.66 -13.69 18.37
CA PRO A 76 -13.50 -14.85 18.73
C PRO A 76 -14.72 -14.93 17.82
N ILE A 77 -14.95 -16.12 17.28
CA ILE A 77 -16.18 -16.42 16.56
C ILE A 77 -16.83 -17.60 17.26
N ARG A 78 -17.95 -18.08 16.74
CA ARG A 78 -18.64 -19.22 17.33
C ARG A 78 -19.11 -20.25 16.31
N GLU A 79 -19.26 -19.88 15.04
CA GLU A 79 -19.62 -20.83 14.00
C GLU A 79 -19.15 -20.27 12.67
N ALA A 80 -18.82 -21.17 11.73
CA ALA A 80 -18.29 -20.78 10.44
C ALA A 80 -18.79 -21.74 9.38
N TYR A 81 -18.37 -21.50 8.13
CA TYR A 81 -18.88 -22.24 6.98
C TYR A 81 -17.74 -22.71 6.09
N ARG A 82 -17.93 -23.89 5.49
CA ARG A 82 -16.96 -24.41 4.53
C ARG A 82 -16.97 -23.60 3.24
N VAL A 83 -15.80 -23.14 2.83
CA VAL A 83 -15.69 -22.42 1.56
C VAL A 83 -15.99 -23.39 0.42
N LEU A 84 -16.64 -22.88 -0.63
CA LEU A 84 -16.94 -23.66 -1.82
C LEU A 84 -16.44 -22.93 -3.05
N ALA A 85 -16.05 -23.70 -4.05
CA ALA A 85 -15.63 -23.10 -5.31
C ALA A 85 -16.83 -22.47 -6.00
N GLU A 86 -16.59 -21.35 -6.66
CA GLU A 86 -17.66 -20.61 -7.33
C GLU A 86 -18.01 -21.27 -8.65
N PRO A 87 -19.29 -21.50 -8.93
CA PRO A 87 -19.67 -21.99 -10.26
C PRO A 87 -19.21 -21.02 -11.31
N PRO A 88 -18.62 -21.50 -12.41
CA PRO A 88 -18.22 -20.59 -13.49
C PRO A 88 -19.44 -19.91 -14.09
N SER A 89 -19.16 -18.85 -14.84
CA SER A 89 -20.19 -18.10 -15.55
C SER A 89 -20.02 -18.41 -17.04
N LEU A 90 -21.01 -19.07 -17.62
CA LEU A 90 -20.90 -19.51 -19.01
C LEU A 90 -20.56 -18.34 -19.92
N HIS A 91 -21.27 -17.23 -19.78
CA HIS A 91 -21.06 -16.05 -20.62
C HIS A 91 -20.24 -15.03 -19.81
N SER A 92 -18.95 -14.95 -20.12
CA SER A 92 -18.08 -13.96 -19.50
C SER A 92 -18.41 -12.56 -20.00
N TRP A 104 -16.59 -15.86 -4.67
CA TRP A 104 -16.59 -17.27 -4.29
C TRP A 104 -17.84 -17.60 -3.47
N ARG A 105 -18.33 -18.82 -3.61
CA ARG A 105 -19.51 -19.23 -2.87
C ARG A 105 -19.10 -19.94 -1.58
N CYS A 106 -20.08 -20.14 -0.72
CA CYS A 106 -19.83 -20.66 0.61
C CYS A 106 -21.03 -21.49 1.03
N SER A 107 -20.78 -22.49 1.86
CA SER A 107 -21.87 -23.31 2.36
C SER A 107 -22.87 -22.46 3.13
N THR A 108 -24.05 -23.04 3.36
CA THR A 108 -25.12 -22.39 4.11
C THR A 108 -25.36 -23.01 5.48
N GLU A 109 -24.97 -24.27 5.69
CA GLU A 109 -25.09 -24.89 7.00
C GLU A 109 -23.81 -24.62 7.79
N PRO A 110 -23.89 -23.97 8.95
CA PRO A 110 -22.67 -23.65 9.70
C PRO A 110 -22.16 -24.81 10.52
N GLU A 111 -20.88 -24.71 10.88
CA GLU A 111 -20.23 -25.62 11.81
C GLU A 111 -19.57 -24.81 12.91
N PRO A 112 -19.42 -25.38 14.10
CA PRO A 112 -18.84 -24.61 15.21
C PRO A 112 -17.36 -24.34 14.98
N ALA A 113 -16.99 -23.06 15.05
CA ALA A 113 -15.61 -22.64 15.08
C ALA A 113 -15.37 -21.86 16.37
N ILE A 114 -14.10 -21.62 16.69
CA ILE A 114 -13.69 -20.97 17.92
C ILE A 114 -12.88 -19.71 17.65
N CYS A 115 -12.02 -19.71 16.65
CA CYS A 115 -11.13 -18.59 16.39
C CYS A 115 -11.28 -18.17 14.94
N GLY A 116 -11.37 -16.86 14.73
CA GLY A 116 -11.47 -16.30 13.39
C GLY A 116 -10.19 -15.55 13.05
N ILE A 117 -9.65 -15.85 11.87
CA ILE A 117 -8.46 -15.16 11.35
C ILE A 117 -8.99 -13.93 10.62
N SER A 118 -9.08 -12.81 11.33
CA SER A 118 -9.63 -11.60 10.74
C SER A 118 -8.80 -11.15 9.54
N ARG A 119 -7.53 -10.86 9.78
CA ARG A 119 -6.61 -10.47 8.71
C ARG A 119 -5.27 -11.13 8.97
N ILE A 120 -4.63 -11.60 7.91
CA ILE A 120 -3.28 -12.15 7.98
C ILE A 120 -2.48 -11.57 6.83
N TRP A 121 -1.22 -11.26 7.10
CA TRP A 121 -0.37 -10.62 6.11
C TRP A 121 1.09 -10.90 6.44
N VAL A 122 1.87 -11.26 5.42
CA VAL A 122 3.30 -11.42 5.54
C VAL A 122 3.96 -10.42 4.60
N PHE A 123 5.08 -9.86 5.03
CA PHE A 123 5.82 -8.93 4.18
C PHE A 123 6.11 -9.60 2.84
N ALA A 124 5.86 -8.86 1.75
CA ALA A 124 5.87 -9.46 0.42
C ALA A 124 7.15 -10.23 0.16
N LEU A 125 8.30 -9.62 0.45
CA LEU A 125 9.57 -10.23 0.11
C LEU A 125 9.93 -11.40 1.03
N MET A 126 9.17 -11.62 2.10
CA MET A 126 9.46 -12.66 3.08
C MET A 126 8.45 -13.81 3.01
N ARG A 127 7.75 -13.96 1.90
CA ARG A 127 6.68 -14.93 1.78
C ARG A 127 7.19 -16.26 1.24
N ARG A 128 6.38 -17.30 1.40
CA ARG A 128 6.79 -18.67 1.14
C ARG A 128 7.91 -19.09 2.09
N LYS A 129 7.85 -18.58 3.32
CA LYS A 129 8.82 -18.89 4.35
C LYS A 129 8.13 -19.34 5.64
N ALA A 130 6.91 -19.85 5.53
CA ALA A 130 6.16 -20.43 6.64
C ALA A 130 5.90 -19.42 7.76
N ILE A 131 6.04 -18.12 7.48
CA ILE A 131 5.71 -17.12 8.48
C ILE A 131 4.22 -17.16 8.78
N ALA A 132 3.39 -17.11 7.74
CA ALA A 132 1.95 -17.25 7.93
C ALA A 132 1.64 -18.55 8.67
N SER A 133 2.21 -19.65 8.20
CA SER A 133 1.96 -20.94 8.84
C SER A 133 2.29 -20.90 10.33
N ARG A 134 3.43 -20.31 10.69
CA ARG A 134 3.86 -20.31 12.09
C ARG A 134 3.01 -19.37 12.94
N MET A 135 2.50 -18.28 12.36
CA MET A 135 1.61 -17.40 13.12
C MET A 135 0.27 -18.08 13.38
N VAL A 136 -0.23 -18.84 12.41
CA VAL A 136 -1.49 -19.55 12.62
C VAL A 136 -1.28 -20.68 13.62
N ASP A 137 -0.08 -21.25 13.68
CA ASP A 137 0.26 -22.15 14.79
C ASP A 137 0.16 -21.43 16.12
N ALA A 138 0.82 -20.26 16.23
CA ALA A 138 0.80 -19.50 17.47
C ALA A 138 -0.62 -19.25 17.95
N VAL A 139 -1.55 -19.02 17.02
CA VAL A 139 -2.94 -18.80 17.42
C VAL A 139 -3.54 -20.08 17.96
N ARG A 140 -3.29 -21.21 17.29
CA ARG A 140 -3.81 -22.48 17.77
C ARG A 140 -3.27 -22.78 19.16
N SER A 141 -1.98 -22.50 19.40
CA SER A 141 -1.38 -22.81 20.69
C SER A 141 -1.89 -21.87 21.79
N SER A 142 -1.98 -20.57 21.50
CA SER A 142 -2.08 -19.55 22.53
C SER A 142 -3.34 -18.70 22.46
N PHE A 143 -4.32 -19.04 21.62
CA PHE A 143 -5.52 -18.23 21.57
C PHE A 143 -6.38 -18.46 22.80
N MET A 144 -6.58 -19.71 23.19
CA MET A 144 -7.31 -20.08 24.39
C MET A 144 -6.38 -20.83 25.34
N TYR A 145 -6.27 -20.36 26.58
CA TYR A 145 -5.32 -20.92 27.53
C TYR A 145 -5.52 -22.42 27.68
N GLY A 146 -4.40 -23.13 27.78
CA GLY A 146 -4.43 -24.57 28.02
C GLY A 146 -5.22 -25.36 27.01
N SER A 147 -5.11 -24.99 25.73
CA SER A 147 -5.83 -25.70 24.69
C SER A 147 -5.20 -25.38 23.34
N VAL A 148 -5.14 -26.38 22.47
CA VAL A 148 -4.63 -26.22 21.12
C VAL A 148 -5.81 -26.34 20.16
N LEU A 149 -5.96 -25.37 19.27
CA LEU A 149 -7.03 -25.42 18.29
C LEU A 149 -6.64 -26.32 17.14
N THR A 150 -7.65 -26.91 16.50
CA THR A 150 -7.42 -27.79 15.37
C THR A 150 -7.41 -26.98 14.07
N THR A 151 -6.98 -27.63 12.99
CA THR A 151 -7.09 -27.00 11.68
C THR A 151 -8.54 -26.71 11.33
N GLU A 152 -9.49 -27.38 11.98
CA GLU A 152 -10.89 -27.26 11.68
C GLU A 152 -11.65 -26.38 12.67
N GLU A 153 -11.00 -25.91 13.74
CA GLU A 153 -11.63 -24.98 14.68
C GLU A 153 -11.22 -23.53 14.42
N ILE A 154 -10.53 -23.27 13.31
CA ILE A 154 -10.18 -21.91 12.90
C ILE A 154 -10.90 -21.60 11.60
N ALA A 155 -11.24 -20.33 11.41
CA ALA A 155 -11.90 -19.87 10.20
C ALA A 155 -11.24 -18.59 9.73
N PHE A 156 -11.21 -18.41 8.42
CA PHE A 156 -10.60 -17.23 7.84
C PHE A 156 -11.71 -16.26 7.39
N SER A 157 -11.55 -14.93 7.53
CA SER A 157 -12.59 -13.92 7.21
C SER A 157 -12.33 -13.52 5.78
N ASP A 158 -13.32 -13.60 4.87
CA ASP A 158 -13.27 -13.18 3.46
C ASP A 158 -11.89 -13.28 2.83
N PRO A 159 -11.36 -14.49 2.77
CA PRO A 159 -10.02 -14.71 2.28
C PRO A 159 -9.84 -14.26 0.86
N THR A 160 -8.69 -13.67 0.56
CA THR A 160 -8.33 -13.26 -0.78
C THR A 160 -7.78 -14.49 -1.50
N PRO A 161 -7.55 -14.41 -2.82
CA PRO A 161 -7.06 -15.61 -3.52
C PRO A 161 -5.80 -16.18 -2.89
N ASP A 162 -4.78 -15.35 -2.66
CA ASP A 162 -3.61 -15.81 -1.92
C ASP A 162 -4.02 -16.51 -0.64
N GLY A 163 -4.84 -15.85 0.18
CA GLY A 163 -5.32 -16.48 1.41
C GLY A 163 -5.93 -17.85 1.14
N LYS A 164 -6.83 -17.93 0.16
CA LYS A 164 -7.42 -19.21 -0.20
C LYS A 164 -6.35 -20.24 -0.57
N LEU A 165 -5.33 -19.82 -1.31
CA LEU A 165 -4.22 -20.72 -1.62
C LEU A 165 -3.47 -21.13 -0.36
N PHE A 166 -3.47 -20.27 0.67
CA PHE A 166 -2.76 -20.57 1.91
C PHE A 166 -3.56 -21.51 2.80
N ALA A 167 -4.83 -21.20 3.03
CA ALA A 167 -5.64 -22.00 3.96
C ALA A 167 -5.86 -23.41 3.42
N SER A 168 -6.06 -23.55 2.12
CA SER A 168 -6.21 -24.87 1.52
C SER A 168 -5.04 -25.77 1.87
N THR A 169 -3.81 -25.24 1.82
CA THR A 169 -2.65 -26.06 2.16
C THR A 169 -2.51 -26.23 3.67
N TYR A 170 -2.67 -25.15 4.43
CA TYR A 170 -2.48 -25.23 5.88
C TYR A 170 -3.51 -26.14 6.52
N CYS A 171 -4.79 -25.95 6.20
CA CYS A 171 -5.85 -26.77 6.78
C CYS A 171 -5.93 -28.15 6.15
N LYS A 172 -5.12 -28.43 5.14
CA LYS A 172 -4.96 -29.75 4.55
C LYS A 172 -6.20 -30.21 3.77
N VAL A 173 -7.18 -29.34 3.57
CA VAL A 173 -8.36 -29.65 2.78
C VAL A 173 -8.68 -28.49 1.85
N PRO A 174 -9.53 -28.67 0.84
CA PRO A 174 -9.93 -27.54 0.01
C PRO A 174 -11.14 -26.80 0.58
N ASP A 175 -11.93 -27.50 1.41
CA ASP A 175 -13.14 -26.92 1.99
C ASP A 175 -12.88 -26.52 3.44
N PHE A 176 -12.06 -25.48 3.59
CA PHE A 176 -11.73 -24.93 4.89
C PHE A 176 -12.79 -23.92 5.31
N LEU A 177 -12.87 -23.69 6.62
CA LEU A 177 -13.90 -22.81 7.16
C LEU A 177 -13.56 -21.33 6.93
N VAL A 178 -14.56 -20.62 6.51
CA VAL A 178 -14.47 -19.17 6.37
C VAL A 178 -15.71 -18.49 7.04
N TYR A 179 -15.66 -17.17 7.35
CA TYR A 179 -16.81 -16.41 7.95
C TYR A 179 -16.88 -14.94 7.42
N ASN A 180 -17.83 -14.11 7.86
CA ASN A 180 -17.94 -12.72 7.44
C ASN A 180 -17.94 -12.62 5.89
N PHE A 181 -18.95 -13.18 5.19
CA PHE A 181 -19.07 -13.27 3.70
C PHE A 181 -20.31 -12.50 3.18
N VAL A 182 -20.34 -12.06 1.92
CA VAL A 182 -21.48 -11.36 1.35
C VAL A 182 -21.44 -11.36 -0.17
N SER B 2 9.99 37.88 -23.83
CA SER B 2 8.90 37.18 -23.15
C SER B 2 7.62 37.14 -23.95
N MET B 3 7.69 37.51 -25.23
CA MET B 3 6.47 37.45 -26.03
C MET B 3 6.41 36.04 -26.67
N LYS B 4 5.30 35.28 -26.47
CA LYS B 4 5.18 33.89 -27.00
C LYS B 4 3.69 33.30 -27.07
N LYS B 5 3.50 32.02 -27.47
CA LYS B 5 2.16 31.30 -27.46
C LYS B 5 2.02 30.62 -26.04
N GLU B 6 1.02 29.75 -25.81
CA GLU B 6 0.90 29.04 -24.47
C GLU B 6 0.19 27.71 -24.50
N ARG B 7 0.83 26.71 -23.90
CA ARG B 7 0.24 25.37 -23.93
C ARG B 7 -0.64 25.23 -22.72
N VAL B 8 -1.95 25.39 -22.91
CA VAL B 8 -2.92 25.12 -21.86
C VAL B 8 -3.46 23.72 -22.09
N ILE B 9 -3.41 22.89 -21.05
CA ILE B 9 -3.95 21.54 -21.11
C ILE B 9 -5.39 21.50 -20.60
N THR B 10 -5.62 22.09 -19.43
CA THR B 10 -6.96 22.09 -18.83
C THR B 10 -7.18 23.40 -18.11
N GLU B 11 -8.41 23.91 -18.17
CA GLU B 11 -8.81 25.10 -17.45
C GLU B 11 -9.71 24.71 -16.29
N PHE B 12 -9.50 25.35 -15.14
CA PHE B 12 -10.25 25.06 -13.94
C PHE B 12 -10.77 26.36 -13.34
N TRP B 13 -11.71 26.22 -12.40
CA TRP B 13 -12.30 27.39 -11.76
C TRP B 13 -11.29 28.12 -10.88
N ASP B 14 -10.22 27.45 -10.46
CA ASP B 14 -9.22 28.04 -9.59
C ASP B 14 -7.83 28.06 -10.21
N GLY B 15 -7.72 27.83 -11.52
CA GLY B 15 -6.43 27.86 -12.16
C GLY B 15 -6.46 27.15 -13.51
N LYS B 16 -5.27 26.85 -14.01
CA LYS B 16 -5.08 26.20 -15.30
C LYS B 16 -3.77 25.44 -15.26
N ILE B 17 -3.71 24.34 -16.03
CA ILE B 17 -2.53 23.50 -16.11
C ILE B 17 -1.92 23.67 -17.49
N ILE B 18 -0.72 24.22 -17.55
CA ILE B 18 -0.01 24.43 -18.80
C ILE B 18 1.09 23.39 -18.94
N MET B 19 1.83 23.45 -20.04
CA MET B 19 2.89 22.48 -20.30
C MET B 19 4.01 23.17 -21.06
N VAL B 20 5.25 22.83 -20.69
CA VAL B 20 6.45 23.37 -21.33
C VAL B 20 7.15 22.21 -22.02
N SER B 21 7.07 22.17 -23.34
CA SER B 21 7.81 21.19 -24.12
C SER B 21 9.26 21.64 -24.30
N PRO B 22 10.16 20.72 -24.62
CA PRO B 22 11.56 21.12 -24.82
C PRO B 22 11.77 22.06 -26.00
N ASP B 23 11.00 21.90 -27.07
CA ASP B 23 11.09 22.77 -28.25
C ASP B 23 10.15 23.95 -28.13
N ASP B 24 10.24 24.69 -27.02
CA ASP B 24 9.40 25.87 -26.81
C ASP B 24 10.24 27.13 -26.75
N PRO B 25 9.62 28.31 -26.82
CA PRO B 25 10.40 29.56 -26.79
C PRO B 25 11.19 29.68 -25.50
N LYS B 26 12.38 30.30 -25.61
CA LYS B 26 13.27 30.41 -24.47
C LYS B 26 12.60 31.08 -23.28
N TYR B 27 11.68 32.01 -23.52
CA TYR B 27 10.99 32.68 -22.42
C TYR B 27 10.28 31.66 -21.53
N ALA B 28 9.68 30.63 -22.14
CA ALA B 28 9.00 29.59 -21.37
C ALA B 28 10.01 28.65 -20.68
N LEU B 29 11.03 28.22 -21.41
CA LEU B 29 11.98 27.25 -20.87
C LEU B 29 12.61 27.77 -19.58
N LYS B 30 12.87 29.08 -19.51
CA LYS B 30 13.48 29.65 -18.31
C LYS B 30 12.59 29.43 -17.09
N LYS B 31 11.29 29.68 -17.23
CA LYS B 31 10.36 29.43 -16.14
C LYS B 31 10.39 27.96 -15.72
N ALA B 32 10.34 27.05 -16.69
CA ALA B 32 10.37 25.62 -16.37
C ALA B 32 11.59 25.26 -15.53
N GLU B 33 12.74 25.84 -15.87
CA GLU B 33 13.94 25.61 -15.06
C GLU B 33 13.83 26.26 -13.69
N GLU B 34 13.15 27.40 -13.59
CA GLU B 34 13.08 28.13 -12.32
C GLU B 34 12.36 27.30 -11.26
N VAL B 35 11.20 26.74 -11.61
CA VAL B 35 10.43 25.97 -10.64
C VAL B 35 11.20 24.75 -10.18
N ARG B 36 11.93 24.12 -11.11
CA ARG B 36 12.65 22.91 -10.76
C ARG B 36 13.69 23.18 -9.67
N GLU B 37 14.44 24.28 -9.79
CA GLU B 37 15.30 24.70 -8.69
C GLU B 37 14.50 24.92 -7.42
N LEU B 38 13.33 25.55 -7.55
CA LEU B 38 12.44 25.76 -6.41
C LEU B 38 11.98 24.43 -5.83
N VAL B 39 11.62 23.47 -6.69
CA VAL B 39 11.19 22.16 -6.23
C VAL B 39 12.34 21.46 -5.50
N ASP B 40 13.50 21.33 -6.18
CA ASP B 40 14.61 20.59 -5.60
C ASP B 40 14.96 21.11 -4.21
N SER B 41 14.84 22.43 -4.01
CA SER B 41 15.01 22.98 -2.67
C SER B 41 13.99 22.39 -1.71
N GLU B 42 12.73 22.29 -2.14
CA GLU B 42 11.71 21.67 -1.32
C GLU B 42 12.01 20.19 -1.09
N LEU B 43 12.28 19.45 -2.17
CA LEU B 43 12.64 18.05 -2.05
C LEU B 43 13.97 17.82 -1.34
N GLY B 44 14.79 18.86 -1.19
CA GLY B 44 16.01 18.71 -0.41
C GLY B 44 17.11 17.95 -1.12
N PHE B 45 17.63 18.48 -2.21
CA PHE B 45 18.71 17.82 -2.94
C PHE B 45 19.99 18.64 -2.86
N LEU B 50 21.83 13.26 -13.20
CA LEU B 50 21.17 12.14 -13.85
C LEU B 50 19.94 12.61 -14.60
N ARG B 51 20.03 13.78 -15.23
CA ARG B 51 18.87 14.43 -15.82
C ARG B 51 19.03 14.57 -17.32
N CYS B 52 17.90 14.52 -18.02
CA CYS B 52 17.86 14.44 -19.49
C CYS B 52 16.73 15.32 -19.99
N PRO B 53 16.84 16.64 -19.81
CA PRO B 53 15.71 17.53 -20.13
C PRO B 53 15.22 17.45 -21.57
N SER B 54 15.97 16.81 -22.48
CA SER B 54 15.51 16.73 -23.86
C SER B 54 14.29 15.82 -24.01
N GLN B 55 14.15 14.83 -23.13
CA GLN B 55 13.01 13.91 -23.13
C GLN B 55 12.08 14.17 -21.95
N THR B 56 12.06 15.40 -21.47
CA THR B 56 11.24 15.80 -20.33
C THR B 56 10.17 16.79 -20.77
N ARG B 57 8.96 16.61 -20.24
CA ARG B 57 7.89 17.59 -20.37
C ARG B 57 7.50 18.06 -18.98
N THR B 58 7.41 19.38 -18.80
CA THR B 58 7.19 19.98 -17.50
C THR B 58 5.78 20.56 -17.45
N TYR B 59 4.97 20.06 -16.51
CA TYR B 59 3.62 20.56 -16.32
C TYR B 59 3.59 21.53 -15.14
N MET B 60 2.69 22.50 -15.23
CA MET B 60 2.60 23.56 -14.23
C MET B 60 1.14 23.90 -13.96
N PHE B 61 0.76 23.90 -12.69
CA PHE B 61 -0.54 24.40 -12.29
C PHE B 61 -0.41 25.89 -12.01
N VAL B 62 -1.14 26.71 -12.77
CA VAL B 62 -1.11 28.15 -12.64
C VAL B 62 -2.42 28.56 -11.98
N SER B 63 -2.33 29.29 -10.87
CA SER B 63 -3.53 29.73 -10.19
C SER B 63 -4.18 30.87 -10.97
N ASN B 64 -5.33 31.34 -10.48
CA ASN B 64 -5.97 32.51 -11.06
C ASN B 64 -5.26 33.80 -10.68
N GLU B 65 -4.37 33.75 -9.68
CA GLU B 65 -3.52 34.89 -9.36
C GLU B 65 -2.19 34.81 -10.09
N LYS B 66 -2.14 34.05 -11.19
CA LYS B 66 -0.95 33.92 -12.02
C LYS B 66 0.30 33.64 -11.16
N LYS B 67 0.19 32.60 -10.34
CA LYS B 67 1.32 32.10 -9.55
C LYS B 67 1.42 30.60 -9.75
N ILE B 68 2.64 30.11 -9.97
CA ILE B 68 2.88 28.68 -10.20
C ILE B 68 2.81 27.99 -8.84
N VAL B 69 1.62 27.46 -8.51
CA VAL B 69 1.41 26.77 -7.24
C VAL B 69 1.57 25.26 -7.36
N GLY B 70 1.67 24.72 -8.57
CA GLY B 70 1.87 23.31 -8.76
C GLY B 70 2.83 23.01 -9.89
N CYS B 71 3.67 21.99 -9.72
CA CYS B 71 4.62 21.59 -10.75
C CYS B 71 4.73 20.07 -10.80
N LEU B 72 4.82 19.54 -12.01
CA LEU B 72 5.02 18.12 -12.23
C LEU B 72 5.91 17.97 -13.46
N ILE B 73 6.86 17.04 -13.39
CA ILE B 73 7.82 16.82 -14.46
C ILE B 73 7.68 15.36 -14.90
N ALA B 74 7.15 15.15 -16.10
CA ALA B 74 6.95 13.83 -16.67
C ALA B 74 8.11 13.45 -17.59
N GLU B 75 8.29 12.15 -17.78
CA GLU B 75 9.32 11.63 -18.68
C GLU B 75 8.92 10.23 -19.13
N PRO B 76 9.32 9.80 -20.32
CA PRO B 76 8.99 8.45 -20.79
C PRO B 76 9.90 7.41 -20.15
N ILE B 77 9.31 6.35 -19.62
CA ILE B 77 10.07 5.20 -19.12
C ILE B 77 9.58 3.95 -19.83
N ARG B 78 10.10 2.79 -19.44
CA ARG B 78 9.73 1.52 -20.06
C ARG B 78 9.40 0.41 -19.07
N GLU B 79 9.85 0.48 -17.83
CA GLU B 79 9.46 -0.50 -16.82
C GLU B 79 9.63 0.11 -15.44
N ALA B 80 8.82 -0.37 -14.50
CA ALA B 80 8.86 0.10 -13.13
C ALA B 80 8.51 -1.07 -12.22
N TYR B 81 8.48 -0.81 -10.91
CA TYR B 81 8.29 -1.85 -9.91
C TYR B 81 7.17 -1.43 -8.96
N ARG B 82 6.36 -2.39 -8.53
CA ARG B 82 5.29 -2.10 -7.59
C ARG B 82 5.90 -1.81 -6.22
N VAL B 83 5.56 -0.63 -5.67
CA VAL B 83 6.07 -0.25 -4.36
C VAL B 83 5.50 -1.15 -3.27
N LEU B 84 6.30 -1.39 -2.23
CA LEU B 84 5.86 -2.14 -1.07
C LEU B 84 6.13 -1.32 0.18
N ALA B 85 5.25 -1.46 1.17
CA ALA B 85 5.39 -0.75 2.42
C ALA B 85 6.56 -1.30 3.24
N GLU B 86 7.22 -0.41 3.96
CA GLU B 86 8.36 -0.82 4.79
C GLU B 86 7.85 -1.46 6.07
N PRO B 87 8.32 -2.65 6.44
CA PRO B 87 7.91 -3.27 7.70
C PRO B 87 8.24 -2.39 8.89
N PRO B 88 7.32 -2.25 9.85
CA PRO B 88 7.64 -1.50 11.07
C PRO B 88 8.74 -2.17 11.87
N SER B 89 9.29 -1.41 12.83
CA SER B 89 10.27 -1.92 13.78
C SER B 89 9.63 -1.98 15.15
N LEU B 90 9.71 -3.13 15.81
CA LEU B 90 9.05 -3.28 17.09
C LEU B 90 9.69 -2.42 18.19
N HIS B 91 10.85 -1.83 17.92
CA HIS B 91 11.47 -0.85 18.82
C HIS B 91 11.76 0.39 17.97
N SER B 92 10.80 1.31 17.92
CA SER B 92 10.95 2.51 17.12
C SER B 92 12.12 3.36 17.65
N LEU B 93 13.09 3.62 16.79
CA LEU B 93 14.26 4.42 17.15
C LEU B 93 14.84 4.01 18.49
N ARG B 102 14.89 4.86 4.55
CA ARG B 102 14.04 4.08 3.66
C ARG B 102 12.57 4.29 3.98
N ALA B 103 11.73 4.21 2.94
CA ALA B 103 10.29 4.33 3.11
C ALA B 103 9.48 3.26 2.37
N TRP B 104 10.08 2.53 1.43
CA TRP B 104 9.35 1.55 0.66
C TRP B 104 10.33 0.52 0.10
N ARG B 105 9.90 -0.75 0.10
CA ARG B 105 10.73 -1.87 -0.32
C ARG B 105 10.18 -2.50 -1.59
N CYS B 106 10.23 -1.76 -2.69
CA CYS B 106 9.64 -2.17 -3.97
C CYS B 106 9.79 -3.65 -4.34
N SER B 107 8.87 -4.16 -5.16
CA SER B 107 8.92 -5.53 -5.67
C SER B 107 10.23 -5.78 -6.41
N THR B 108 10.47 -7.05 -6.75
CA THR B 108 11.70 -7.43 -7.42
C THR B 108 11.54 -7.72 -8.91
N GLU B 109 10.35 -8.09 -9.37
CA GLU B 109 10.08 -8.24 -10.79
C GLU B 109 9.50 -6.95 -11.35
N PRO B 110 10.09 -6.35 -12.38
CA PRO B 110 9.55 -5.09 -12.90
C PRO B 110 8.32 -5.31 -13.76
N GLU B 111 7.55 -4.23 -13.92
CA GLU B 111 6.36 -4.23 -14.75
C GLU B 111 6.43 -3.10 -15.76
N PRO B 112 5.76 -3.26 -16.91
CA PRO B 112 5.82 -2.23 -17.96
C PRO B 112 5.05 -0.98 -17.57
N ALA B 113 5.72 0.17 -17.63
CA ALA B 113 5.11 1.48 -17.52
C ALA B 113 5.45 2.30 -18.76
N ILE B 114 4.78 3.46 -18.89
CA ILE B 114 4.97 4.32 -20.04
C ILE B 114 5.46 5.71 -19.63
N CYS B 115 4.94 6.25 -18.53
CA CYS B 115 5.22 7.61 -18.10
C CYS B 115 5.67 7.63 -16.64
N GLY B 116 6.72 8.38 -16.37
CA GLY B 116 7.23 8.56 -15.02
C GLY B 116 7.03 9.99 -14.54
N ILE B 117 6.49 10.11 -13.32
CA ILE B 117 6.37 11.41 -12.65
C ILE B 117 7.70 11.64 -11.96
N SER B 118 8.62 12.28 -12.67
CA SER B 118 9.96 12.50 -12.14
C SER B 118 9.91 13.34 -10.88
N ARG B 119 9.31 14.52 -10.96
CA ARG B 119 9.15 15.39 -9.81
C ARG B 119 7.72 15.92 -9.76
N ILE B 120 7.16 15.96 -8.56
CA ILE B 120 5.83 16.51 -8.33
C ILE B 120 5.87 17.35 -7.07
N TRP B 121 5.20 18.50 -7.09
CA TRP B 121 5.23 19.41 -5.97
C TRP B 121 4.05 20.37 -6.06
N VAL B 122 3.36 20.59 -4.94
CA VAL B 122 2.32 21.61 -4.82
C VAL B 122 2.76 22.60 -3.76
N PHE B 123 2.49 23.88 -4.00
CA PHE B 123 2.85 24.90 -3.02
C PHE B 123 2.21 24.60 -1.67
N ALA B 124 3.00 24.78 -0.61
CA ALA B 124 2.61 24.34 0.73
C ALA B 124 1.22 24.82 1.12
N LEU B 125 0.93 26.11 0.88
CA LEU B 125 -0.33 26.67 1.35
C LEU B 125 -1.55 26.21 0.56
N MET B 126 -1.37 25.58 -0.61
CA MET B 126 -2.47 25.16 -1.46
C MET B 126 -2.46 23.66 -1.68
N ARG B 127 -2.25 22.89 -0.62
CA ARG B 127 -2.25 21.44 -0.69
C ARG B 127 -3.54 20.87 -0.14
N ARG B 128 -3.81 19.61 -0.50
CA ARG B 128 -5.08 18.96 -0.20
C ARG B 128 -6.23 19.67 -0.91
N LYS B 129 -5.94 20.21 -2.09
CA LYS B 129 -6.92 20.92 -2.91
C LYS B 129 -6.91 20.39 -4.34
N ALA B 130 -6.51 19.12 -4.51
CA ALA B 130 -6.58 18.40 -5.79
C ALA B 130 -5.72 19.03 -6.89
N ILE B 131 -4.74 19.85 -6.53
CA ILE B 131 -3.82 20.36 -7.55
C ILE B 131 -2.95 19.22 -8.08
N ALA B 132 -2.32 18.47 -7.18
CA ALA B 132 -1.52 17.32 -7.60
C ALA B 132 -2.35 16.34 -8.43
N SER B 133 -3.52 15.95 -7.92
CA SER B 133 -4.36 15.00 -8.63
C SER B 133 -4.72 15.51 -10.03
N ARG B 134 -5.01 16.80 -10.16
CA ARG B 134 -5.42 17.33 -11.46
C ARG B 134 -4.25 17.41 -12.43
N MET B 135 -3.03 17.51 -11.92
CA MET B 135 -1.86 17.49 -12.79
C MET B 135 -1.53 16.09 -13.26
N VAL B 136 -1.70 15.08 -12.39
CA VAL B 136 -1.45 13.71 -12.81
C VAL B 136 -2.52 13.28 -13.80
N ASP B 137 -3.74 13.82 -13.69
CA ASP B 137 -4.72 13.67 -14.75
C ASP B 137 -4.22 14.31 -16.04
N ALA B 138 -3.79 15.57 -15.97
CA ALA B 138 -3.29 16.27 -17.15
C ALA B 138 -2.23 15.45 -17.87
N VAL B 139 -1.37 14.76 -17.12
CA VAL B 139 -0.34 13.94 -17.75
C VAL B 139 -0.95 12.74 -18.43
N ARG B 140 -1.88 12.06 -17.76
CA ARG B 140 -2.52 10.89 -18.36
C ARG B 140 -3.22 11.25 -19.67
N SER B 141 -3.89 12.41 -19.70
CA SER B 141 -4.62 12.81 -20.88
C SER B 141 -3.71 13.16 -22.04
N SER B 142 -2.62 13.89 -21.77
CA SER B 142 -1.88 14.57 -22.82
C SER B 142 -0.42 14.11 -22.94
N PHE B 143 -0.02 13.05 -22.24
CA PHE B 143 1.34 12.55 -22.38
C PHE B 143 1.52 11.74 -23.66
N MET B 144 0.54 10.89 -23.99
CA MET B 144 0.60 10.04 -25.17
C MET B 144 -0.44 10.52 -26.17
N TYR B 145 0.01 10.80 -27.39
CA TYR B 145 -0.88 11.36 -28.40
C TYR B 145 -2.11 10.48 -28.59
N GLY B 146 -3.28 11.11 -28.61
CA GLY B 146 -4.52 10.43 -28.90
C GLY B 146 -4.78 9.22 -28.03
N SER B 147 -4.36 9.27 -26.77
CA SER B 147 -4.57 8.15 -25.86
C SER B 147 -4.36 8.63 -24.44
N VAL B 148 -5.12 8.03 -23.52
CA VAL B 148 -5.07 8.37 -22.10
C VAL B 148 -4.35 7.25 -21.35
N LEU B 149 -3.42 7.63 -20.49
CA LEU B 149 -2.67 6.67 -19.69
C LEU B 149 -3.51 6.17 -18.52
N THR B 150 -3.24 4.94 -18.12
CA THR B 150 -3.94 4.33 -16.99
C THR B 150 -3.18 4.60 -15.70
N THR B 151 -3.85 4.30 -14.58
CA THR B 151 -3.19 4.38 -13.28
C THR B 151 -1.99 3.45 -13.20
N GLU B 152 -1.94 2.43 -14.04
CA GLU B 152 -0.89 1.41 -13.99
C GLU B 152 0.18 1.61 -15.05
N GLU B 153 -0.01 2.58 -15.95
CA GLU B 153 1.01 2.93 -16.94
C GLU B 153 1.81 4.15 -16.52
N ILE B 154 1.64 4.60 -15.28
CA ILE B 154 2.43 5.69 -14.72
C ILE B 154 3.25 5.15 -13.57
N ALA B 155 4.43 5.73 -13.37
CA ALA B 155 5.31 5.36 -12.27
C ALA B 155 5.85 6.63 -11.62
N PHE B 156 6.07 6.58 -10.32
CA PHE B 156 6.55 7.72 -9.56
C PHE B 156 8.01 7.52 -9.19
N SER B 157 8.76 8.59 -9.27
CA SER B 157 10.19 8.48 -9.08
C SER B 157 10.54 8.69 -7.61
N ASP B 158 11.14 7.69 -6.92
CA ASP B 158 11.58 7.74 -5.52
C ASP B 158 10.68 8.59 -4.64
N PRO B 159 9.43 8.21 -4.50
CA PRO B 159 8.51 9.03 -3.73
C PRO B 159 8.91 9.26 -2.31
N THR B 160 8.64 10.46 -1.83
CA THR B 160 8.80 10.78 -0.43
C THR B 160 7.55 10.29 0.31
N PRO B 161 7.53 10.32 1.64
CA PRO B 161 6.34 9.78 2.33
C PRO B 161 5.05 10.45 1.88
N ASP B 162 5.02 11.78 1.86
CA ASP B 162 3.85 12.49 1.33
C ASP B 162 3.46 11.95 -0.03
N GLY B 163 4.40 11.92 -0.97
CA GLY B 163 4.12 11.38 -2.29
C GLY B 163 3.51 9.99 -2.23
N LYS B 164 4.12 9.10 -1.44
CA LYS B 164 3.57 7.76 -1.30
C LYS B 164 2.13 7.80 -0.82
N LEU B 165 1.84 8.65 0.17
CA LEU B 165 0.47 8.79 0.65
C LEU B 165 -0.45 9.28 -0.45
N PHE B 166 0.05 10.17 -1.32
CA PHE B 166 -0.77 10.75 -2.38
C PHE B 166 -0.95 9.77 -3.53
N ALA B 167 0.15 9.16 -4.00
CA ALA B 167 0.06 8.28 -5.16
C ALA B 167 -0.77 7.04 -4.87
N SER B 168 -0.60 6.46 -3.67
CA SER B 168 -1.44 5.33 -3.29
C SER B 168 -2.91 5.69 -3.40
N THR B 169 -3.27 6.89 -2.96
CA THR B 169 -4.65 7.33 -3.01
C THR B 169 -5.08 7.66 -4.44
N TYR B 170 -4.21 8.36 -5.19
CA TYR B 170 -4.56 8.71 -6.56
C TYR B 170 -4.78 7.46 -7.41
N CYS B 171 -3.84 6.52 -7.36
CA CYS B 171 -3.96 5.28 -8.12
C CYS B 171 -4.93 4.29 -7.50
N LYS B 172 -5.47 4.58 -6.31
CA LYS B 172 -6.47 3.77 -5.64
C LYS B 172 -5.94 2.42 -5.18
N VAL B 173 -4.62 2.21 -5.22
CA VAL B 173 -4.03 0.98 -4.69
C VAL B 173 -2.84 1.37 -3.83
N PRO B 174 -2.37 0.47 -2.98
CA PRO B 174 -1.18 0.77 -2.17
C PRO B 174 0.11 0.40 -2.86
N ASP B 175 0.02 -0.53 -3.82
CA ASP B 175 1.20 -1.03 -4.53
C ASP B 175 1.29 -0.39 -5.91
N PHE B 176 1.58 0.91 -5.91
CA PHE B 176 1.76 1.66 -7.15
C PHE B 176 3.19 1.53 -7.65
N LEU B 177 3.37 1.77 -8.95
CA LEU B 177 4.66 1.59 -9.59
C LEU B 177 5.60 2.74 -9.23
N VAL B 178 6.90 2.42 -9.13
CA VAL B 178 7.92 3.40 -8.82
C VAL B 178 9.19 3.06 -9.59
N TYR B 179 10.06 4.07 -9.74
CA TYR B 179 11.30 3.90 -10.48
C TYR B 179 12.33 4.91 -9.98
N ASN B 180 13.51 4.86 -10.60
CA ASN B 180 14.67 5.71 -10.26
C ASN B 180 15.06 5.54 -8.79
N PHE B 181 15.66 4.39 -8.52
CA PHE B 181 16.15 4.03 -7.20
C PHE B 181 17.43 3.22 -7.40
N VAL B 182 18.09 2.87 -6.31
CA VAL B 182 19.27 1.99 -6.37
C VAL B 182 19.16 1.00 -5.22
N SER B 183 19.38 -0.28 -5.52
CA SER B 183 19.24 -1.35 -4.53
C SER B 183 17.83 -1.36 -3.93
#